data_1OSZ
#
_entry.id   1OSZ
#
_cell.length_a   136.700
_cell.length_b   88.000
_cell.length_c   45.300
_cell.angle_alpha   90.00
_cell.angle_beta   90.00
_cell.angle_gamma   90.00
#
_symmetry.space_group_name_H-M   'P 21 21 2'
#
loop_
_entity.id
_entity.type
_entity.pdbx_description
1 polymer 'MHC CLASS I H-2KB HEAVY CHAIN'
2 polymer 'BETA-2 MICROGLOBULIN'
3 polymer 'VESICULAR STOMATITIS VIRUS NUCLEOPROTEIN'
#
loop_
_entity_poly.entity_id
_entity_poly.type
_entity_poly.pdbx_seq_one_letter_code
_entity_poly.pdbx_strand_id
1 'polypeptide(L)'
;GPHSLRYFVTAVSRPGLGEPRYMEVGYVDDTEFVRFDSDAENPRYEPRARWMEQEGPEYWERETQKAKGNEQSFRVDLRT
LLGYYNQSKGGSHTIQVISGCEVGSDGRLLRGYQQYAYDGCDYIALNEDLKTWTAADMAALITKHKWEQAGEAERLRAYL
EGTCVEWLRRYLKNGNATLLRTDSPKAHVTHHSRPEDKVTLRCWALGFYPADITLTWQLNGEELIQDMELVETRPAGDGT
FQKWASVVVPLGKEQYYTCHVYHQGLPEPLTLRW
;
A
2 'polypeptide(L)'
;IQKTPQIQVYSRHPPENGKPNILNCYVTQFHPPHIEIQMLKNGKKIPKVEMSDMSFSKDWSFYILAHTEFTPTETDTYAC
RVKHDSMAEPKTVYWDRDM
;
B
3 'polypeptide(L)' RGYLYQGL C
#
# COMPACT_ATOMS: atom_id res chain seq x y z
N GLY A 1 -11.87 -17.63 -3.63
CA GLY A 1 -11.99 -16.92 -2.31
C GLY A 1 -12.68 -15.56 -2.41
N PRO A 2 -12.54 -14.70 -1.39
CA PRO A 2 -13.16 -13.37 -1.39
C PRO A 2 -12.30 -12.36 -2.14
N HIS A 3 -12.93 -11.33 -2.67
CA HIS A 3 -12.20 -10.31 -3.40
C HIS A 3 -12.68 -8.95 -2.93
N SER A 4 -11.87 -7.93 -3.17
CA SER A 4 -12.24 -6.59 -2.74
C SER A 4 -11.83 -5.50 -3.70
N LEU A 5 -12.56 -4.40 -3.61
CA LEU A 5 -12.35 -3.21 -4.43
C LEU A 5 -12.14 -2.11 -3.41
N ARG A 6 -10.97 -1.49 -3.43
CA ARG A 6 -10.65 -0.43 -2.49
C ARG A 6 -10.14 0.85 -3.16
N TYR A 7 -10.46 1.99 -2.57
CA TYR A 7 -10.02 3.29 -3.08
C TYR A 7 -9.38 4.07 -1.95
N PHE A 8 -8.13 4.47 -2.16
CA PHE A 8 -7.41 5.24 -1.16
C PHE A 8 -7.31 6.67 -1.64
N VAL A 9 -8.00 7.58 -0.98
CA VAL A 9 -7.93 8.98 -1.41
C VAL A 9 -7.23 9.83 -0.36
N THR A 10 -6.41 10.76 -0.82
CA THR A 10 -5.67 11.64 0.07
C THR A 10 -5.66 13.07 -0.43
N ALA A 11 -5.95 13.99 0.47
CA ALA A 11 -5.97 15.40 0.13
C ALA A 11 -5.07 16.04 1.15
N VAL A 12 -4.05 16.76 0.69
CA VAL A 12 -3.12 17.41 1.61
C VAL A 12 -2.86 18.83 1.15
N SER A 13 -3.08 19.79 2.04
CA SER A 13 -2.86 21.18 1.72
C SER A 13 -1.39 21.56 1.87
N ARG A 14 -1.00 22.59 1.15
CA ARG A 14 0.36 23.08 1.19
C ARG A 14 0.29 24.59 1.07
N PRO A 15 -0.12 25.25 2.15
CA PRO A 15 -0.25 26.71 2.16
C PRO A 15 0.97 27.39 1.55
N GLY A 16 0.73 28.39 0.70
CA GLY A 16 1.83 29.09 0.08
C GLY A 16 2.38 28.43 -1.18
N LEU A 17 1.95 27.21 -1.46
CA LEU A 17 2.43 26.50 -2.65
C LEU A 17 1.30 26.12 -3.59
N GLY A 18 0.21 26.87 -3.52
CA GLY A 18 -0.92 26.57 -4.39
C GLY A 18 -1.99 25.70 -3.79
N GLU A 19 -2.78 25.08 -4.66
CA GLU A 19 -3.86 24.21 -4.23
C GLU A 19 -3.34 22.95 -3.56
N PRO A 20 -4.20 22.26 -2.80
CA PRO A 20 -3.78 21.02 -2.13
C PRO A 20 -3.56 19.89 -3.14
N ARG A 21 -2.73 18.93 -2.81
CA ARG A 21 -2.48 17.81 -3.72
C ARG A 21 -3.60 16.82 -3.50
N TYR A 22 -4.22 16.35 -4.59
CA TYR A 22 -5.31 15.40 -4.46
C TYR A 22 -4.99 14.10 -5.20
N MET A 23 -5.13 12.98 -4.49
CA MET A 23 -4.83 11.70 -5.09
C MET A 23 -5.88 10.63 -4.84
N GLU A 24 -6.03 9.73 -5.81
CA GLU A 24 -6.98 8.62 -5.73
C GLU A 24 -6.27 7.36 -6.26
N VAL A 25 -6.31 6.28 -5.49
CA VAL A 25 -5.68 5.04 -5.92
C VAL A 25 -6.65 3.88 -5.66
N GLY A 26 -6.99 3.14 -6.71
CA GLY A 26 -7.90 2.02 -6.58
C GLY A 26 -7.20 0.68 -6.68
N TYR A 27 -7.69 -0.30 -5.91
CA TYR A 27 -7.13 -1.65 -5.89
C TYR A 27 -8.24 -2.69 -6.01
N VAL A 28 -8.01 -3.74 -6.78
CA VAL A 28 -9.00 -4.80 -6.96
C VAL A 28 -8.40 -6.05 -6.32
N ASP A 29 -7.96 -5.89 -5.08
CA ASP A 29 -7.33 -6.93 -4.27
C ASP A 29 -6.04 -6.28 -3.85
N ASP A 30 -4.92 -6.87 -4.23
CA ASP A 30 -3.63 -6.30 -3.87
C ASP A 30 -2.96 -5.69 -5.09
N THR A 31 -3.72 -5.56 -6.18
CA THR A 31 -3.16 -5.00 -7.40
C THR A 31 -3.74 -3.63 -7.76
N GLU A 32 -2.88 -2.64 -7.88
CA GLU A 32 -3.30 -1.28 -8.24
C GLU A 32 -3.85 -1.36 -9.66
N PHE A 33 -5.01 -0.77 -9.91
CA PHE A 33 -5.58 -0.81 -11.25
C PHE A 33 -5.99 0.54 -11.84
N VAL A 34 -6.06 1.58 -11.01
CA VAL A 34 -6.43 2.93 -11.47
C VAL A 34 -5.85 3.95 -10.51
N ARG A 35 -5.72 5.19 -10.96
CA ARG A 35 -5.19 6.23 -10.10
C ARG A 35 -5.38 7.63 -10.68
N PHE A 36 -5.44 8.62 -9.79
CA PHE A 36 -5.61 10.02 -10.16
C PHE A 36 -4.68 10.86 -9.29
N ASP A 37 -3.90 11.74 -9.91
CA ASP A 37 -2.97 12.61 -9.18
C ASP A 37 -3.07 14.04 -9.73
N SER A 38 -3.53 14.96 -8.88
CA SER A 38 -3.68 16.35 -9.25
C SER A 38 -2.36 17.01 -9.63
N ASP A 39 -1.25 16.37 -9.28
CA ASP A 39 0.07 16.91 -9.60
C ASP A 39 0.57 16.49 -10.98
N ALA A 40 -0.16 15.60 -11.64
CA ALA A 40 0.24 15.15 -12.95
C ALA A 40 0.21 16.34 -13.90
N GLU A 41 0.96 16.25 -14.99
CA GLU A 41 1.04 17.32 -15.99
C GLU A 41 -0.34 17.66 -16.53
N ASN A 42 -1.17 16.63 -16.65
CA ASN A 42 -2.54 16.77 -17.14
C ASN A 42 -3.38 15.77 -16.33
N PRO A 43 -3.76 16.16 -15.11
CA PRO A 43 -4.56 15.36 -14.20
C PRO A 43 -5.73 14.63 -14.84
N ARG A 44 -5.67 13.30 -14.80
CA ARG A 44 -6.73 12.49 -15.37
C ARG A 44 -6.68 11.09 -14.82
N TYR A 45 -7.81 10.38 -14.87
CA TYR A 45 -7.83 9.02 -14.37
C TYR A 45 -7.15 8.14 -15.42
N GLU A 46 -6.23 7.30 -14.97
CA GLU A 46 -5.53 6.43 -15.91
C GLU A 46 -5.42 5.00 -15.40
N PRO A 47 -5.32 4.05 -16.34
CA PRO A 47 -5.21 2.63 -15.99
C PRO A 47 -3.86 2.35 -15.34
N ARG A 48 -3.82 1.37 -14.46
CA ARG A 48 -2.60 1.03 -13.78
C ARG A 48 -2.39 -0.48 -13.89
N ALA A 49 -3.38 -1.14 -14.50
CA ALA A 49 -3.35 -2.59 -14.71
C ALA A 49 -3.67 -2.77 -16.19
N ARG A 50 -2.99 -3.70 -16.85
CA ARG A 50 -3.23 -3.93 -18.27
C ARG A 50 -4.65 -4.31 -18.70
N TRP A 51 -5.36 -5.05 -17.86
CA TRP A 51 -6.72 -5.45 -18.23
C TRP A 51 -7.69 -4.27 -18.21
N MET A 52 -7.26 -3.14 -17.68
CA MET A 52 -8.14 -1.98 -17.64
C MET A 52 -8.26 -1.36 -19.02
N GLU A 53 -7.51 -1.89 -19.98
CA GLU A 53 -7.54 -1.38 -21.35
C GLU A 53 -8.84 -1.80 -21.99
N GLN A 54 -9.57 -2.69 -21.30
CA GLN A 54 -10.84 -3.18 -21.79
C GLN A 54 -11.99 -2.21 -21.57
N GLU A 55 -11.73 -1.12 -20.85
CA GLU A 55 -12.77 -0.12 -20.58
C GLU A 55 -12.75 0.95 -21.68
N GLY A 56 -13.94 1.35 -22.14
CA GLY A 56 -14.04 2.37 -23.18
C GLY A 56 -13.59 3.76 -22.79
N PRO A 57 -13.44 4.66 -23.76
CA PRO A 57 -12.99 6.04 -23.48
C PRO A 57 -13.93 6.75 -22.51
N GLU A 58 -15.20 6.39 -22.57
CA GLU A 58 -16.19 7.01 -21.70
C GLU A 58 -15.88 6.74 -20.23
N TYR A 59 -15.34 5.56 -19.96
CA TYR A 59 -15.00 5.19 -18.59
C TYR A 59 -14.04 6.23 -18.02
N TRP A 60 -12.94 6.45 -18.73
CA TRP A 60 -11.92 7.41 -18.29
C TRP A 60 -12.44 8.84 -18.22
N GLU A 61 -13.40 9.16 -19.07
CA GLU A 61 -13.97 10.49 -19.10
C GLU A 61 -14.82 10.70 -17.83
N ARG A 62 -15.67 9.72 -17.53
CA ARG A 62 -16.53 9.79 -16.35
C ARG A 62 -15.73 9.78 -15.05
N GLU A 63 -14.77 8.87 -14.93
CA GLU A 63 -13.95 8.77 -13.72
C GLU A 63 -13.10 10.03 -13.51
N THR A 64 -12.66 10.64 -14.60
CA THR A 64 -11.85 11.85 -14.52
C THR A 64 -12.72 13.01 -14.03
N GLN A 65 -13.91 13.13 -14.60
CA GLN A 65 -14.82 14.19 -14.22
C GLN A 65 -15.18 14.06 -12.74
N LYS A 66 -15.46 12.84 -12.30
CA LYS A 66 -15.81 12.62 -10.90
C LYS A 66 -14.63 12.93 -9.99
N ALA A 67 -13.44 12.47 -10.37
CA ALA A 67 -12.25 12.71 -9.58
C ALA A 67 -12.02 14.21 -9.40
N LYS A 68 -12.26 14.97 -10.45
CA LYS A 68 -12.09 16.42 -10.42
C LYS A 68 -13.11 17.08 -9.49
N GLY A 69 -14.30 16.51 -9.43
CA GLY A 69 -15.32 17.06 -8.56
C GLY A 69 -14.88 16.79 -7.14
N ASN A 70 -14.35 15.59 -6.92
CA ASN A 70 -13.87 15.16 -5.62
C ASN A 70 -12.76 16.07 -5.12
N GLU A 71 -11.86 16.44 -6.02
CA GLU A 71 -10.74 17.30 -5.68
C GLU A 71 -11.24 18.64 -5.12
N GLN A 72 -12.14 19.28 -5.85
CA GLN A 72 -12.68 20.55 -5.41
C GLN A 72 -13.37 20.33 -4.06
N SER A 73 -14.16 19.27 -3.99
CA SER A 73 -14.86 18.96 -2.76
C SER A 73 -13.92 18.82 -1.56
N PHE A 74 -12.78 18.15 -1.74
CA PHE A 74 -11.83 17.98 -0.65
C PHE A 74 -11.03 19.24 -0.34
N ARG A 75 -10.92 20.12 -1.33
CA ARG A 75 -10.20 21.39 -1.16
C ARG A 75 -11.02 22.18 -0.16
N VAL A 76 -12.34 22.14 -0.33
CA VAL A 76 -13.25 22.83 0.54
C VAL A 76 -13.22 22.17 1.92
N ASP A 77 -13.14 20.84 1.92
CA ASP A 77 -13.09 20.05 3.16
C ASP A 77 -11.98 20.53 4.08
N LEU A 78 -10.79 20.70 3.53
CA LEU A 78 -9.64 21.15 4.31
C LEU A 78 -9.91 22.52 4.94
N ARG A 79 -10.58 23.39 4.21
CA ARG A 79 -10.90 24.74 4.71
C ARG A 79 -11.88 24.59 5.87
N THR A 80 -12.91 23.78 5.65
CA THR A 80 -13.94 23.51 6.64
C THR A 80 -13.36 22.99 7.95
N LEU A 81 -12.48 22.00 7.87
CA LEU A 81 -11.86 21.43 9.07
C LEU A 81 -11.01 22.43 9.84
N LEU A 82 -10.49 23.42 9.15
CA LEU A 82 -9.68 24.44 9.79
C LEU A 82 -10.60 25.18 10.75
N GLY A 83 -11.84 25.36 10.33
CA GLY A 83 -12.82 26.04 11.15
C GLY A 83 -13.33 25.14 12.27
N TYR A 84 -13.60 23.88 11.95
CA TYR A 84 -14.09 22.94 12.97
C TYR A 84 -13.07 22.88 14.09
N TYR A 85 -11.81 22.73 13.71
CA TYR A 85 -10.74 22.64 14.68
C TYR A 85 -10.10 23.98 15.07
N ASN A 86 -10.62 25.07 14.52
CA ASN A 86 -10.06 26.40 14.84
C ASN A 86 -8.55 26.36 14.65
N GLN A 87 -8.12 25.98 13.45
CA GLN A 87 -6.70 25.90 13.15
C GLN A 87 -6.26 27.03 12.22
N SER A 88 -4.95 27.29 12.21
CA SER A 88 -4.38 28.35 11.38
C SER A 88 -4.33 27.96 9.91
N LYS A 89 -4.42 28.97 9.05
CA LYS A 89 -4.40 28.78 7.61
C LYS A 89 -2.99 28.60 7.06
N GLY A 90 -2.00 28.56 7.94
CA GLY A 90 -0.64 28.40 7.48
C GLY A 90 -0.02 27.03 7.60
N GLY A 91 -0.70 26.11 8.27
CA GLY A 91 -0.14 24.77 8.42
C GLY A 91 -0.72 23.78 7.43
N SER A 92 0.07 22.76 7.09
CA SER A 92 -0.37 21.73 6.15
C SER A 92 -1.18 20.68 6.92
N HIS A 93 -2.29 20.23 6.35
CA HIS A 93 -3.12 19.22 6.99
C HIS A 93 -3.49 18.13 6.00
N THR A 94 -3.86 16.96 6.51
CA THR A 94 -4.20 15.83 5.66
C THR A 94 -5.53 15.16 5.93
N ILE A 95 -6.21 14.80 4.86
CA ILE A 95 -7.49 14.11 4.95
C ILE A 95 -7.29 12.80 4.19
N GLN A 96 -7.67 11.69 4.81
CA GLN A 96 -7.52 10.38 4.19
C GLN A 96 -8.84 9.63 4.21
N VAL A 97 -9.14 8.95 3.10
CA VAL A 97 -10.37 8.19 3.03
C VAL A 97 -10.11 6.84 2.39
N ILE A 98 -10.81 5.84 2.91
CA ILE A 98 -10.67 4.51 2.39
C ILE A 98 -12.09 3.99 2.29
N SER A 99 -12.50 3.60 1.09
CA SER A 99 -13.84 3.07 0.88
C SER A 99 -13.75 1.87 -0.05
N GLY A 100 -14.65 0.93 0.14
CA GLY A 100 -14.64 -0.26 -0.69
C GLY A 100 -15.67 -1.28 -0.27
N CYS A 101 -15.60 -2.43 -0.92
CA CYS A 101 -16.53 -3.52 -0.64
C CYS A 101 -15.79 -4.83 -0.86
N GLU A 102 -16.32 -5.90 -0.30
CA GLU A 102 -15.73 -7.22 -0.45
C GLU A 102 -16.86 -8.16 -0.84
N VAL A 103 -16.53 -9.17 -1.63
CA VAL A 103 -17.52 -10.16 -2.08
C VAL A 103 -16.90 -11.55 -1.92
N GLY A 104 -17.76 -12.56 -1.75
CA GLY A 104 -17.26 -13.91 -1.60
C GLY A 104 -16.88 -14.42 -2.97
N SER A 105 -16.54 -15.70 -3.09
CA SER A 105 -16.16 -16.28 -4.38
C SER A 105 -17.38 -16.37 -5.32
N ASP A 106 -18.58 -16.31 -4.74
CA ASP A 106 -19.78 -16.38 -5.55
C ASP A 106 -20.16 -14.99 -6.04
N GLY A 107 -19.43 -13.98 -5.56
CA GLY A 107 -19.68 -12.60 -5.97
C GLY A 107 -20.63 -11.78 -5.11
N ARG A 108 -21.19 -12.40 -4.08
CA ARG A 108 -22.11 -11.71 -3.19
C ARG A 108 -21.40 -10.80 -2.19
N LEU A 109 -22.00 -9.62 -1.94
CA LEU A 109 -21.42 -8.66 -1.02
C LEU A 109 -21.21 -9.25 0.37
N LEU A 110 -20.00 -9.09 0.88
CA LEU A 110 -19.63 -9.60 2.19
C LEU A 110 -19.54 -8.44 3.17
N ARG A 111 -19.03 -7.30 2.70
CA ARG A 111 -18.88 -6.14 3.57
C ARG A 111 -18.59 -4.86 2.80
N GLY A 112 -19.09 -3.75 3.31
CA GLY A 112 -18.86 -2.45 2.69
C GLY A 112 -18.25 -1.55 3.75
N TYR A 113 -17.53 -0.51 3.34
CA TYR A 113 -16.92 0.39 4.31
C TYR A 113 -16.48 1.74 3.74
N GLN A 114 -16.25 2.69 4.64
CA GLN A 114 -15.82 4.05 4.30
C GLN A 114 -15.44 4.75 5.59
N GLN A 115 -14.16 5.05 5.74
CA GLN A 115 -13.67 5.73 6.94
C GLN A 115 -12.76 6.90 6.56
N TYR A 116 -12.95 8.01 7.25
CA TYR A 116 -12.17 9.23 7.02
C TYR A 116 -11.18 9.38 8.16
N ALA A 117 -10.14 10.16 7.92
CA ALA A 117 -9.12 10.42 8.92
C ALA A 117 -8.65 11.83 8.69
N TYR A 118 -8.32 12.54 9.76
CA TYR A 118 -7.83 13.90 9.65
C TYR A 118 -6.50 13.96 10.39
N ASP A 119 -5.45 14.37 9.68
CA ASP A 119 -4.13 14.47 10.27
C ASP A 119 -3.68 13.17 10.89
N GLY A 120 -4.06 12.06 10.26
CA GLY A 120 -3.67 10.75 10.74
C GLY A 120 -4.52 10.12 11.81
N CYS A 121 -5.60 10.78 12.20
CA CYS A 121 -6.47 10.23 13.24
C CYS A 121 -7.87 10.00 12.72
N ASP A 122 -8.55 9.00 13.27
CA ASP A 122 -9.91 8.67 12.89
C ASP A 122 -10.78 9.91 12.99
N TYR A 123 -11.67 10.07 12.01
CA TYR A 123 -12.58 11.21 11.99
C TYR A 123 -14.03 10.71 12.05
N ILE A 124 -14.49 10.12 10.96
CA ILE A 124 -15.84 9.59 10.89
C ILE A 124 -15.81 8.32 10.06
N ALA A 125 -16.75 7.41 10.34
CA ALA A 125 -16.81 6.17 9.61
C ALA A 125 -18.20 5.59 9.58
N LEU A 126 -18.47 4.85 8.51
CA LEU A 126 -19.75 4.20 8.30
C LEU A 126 -19.70 2.90 9.09
N ASN A 127 -20.76 2.63 9.86
CA ASN A 127 -20.81 1.40 10.65
C ASN A 127 -21.12 0.22 9.75
N GLU A 128 -20.77 -0.98 10.21
CA GLU A 128 -21.01 -2.19 9.44
C GLU A 128 -22.43 -2.30 8.91
N ASP A 129 -23.38 -1.74 9.64
CA ASP A 129 -24.78 -1.78 9.22
C ASP A 129 -25.00 -1.02 7.92
N LEU A 130 -24.03 -0.17 7.56
CA LEU A 130 -24.10 0.64 6.34
C LEU A 130 -25.27 1.61 6.43
N LYS A 131 -25.70 1.90 7.64
CA LYS A 131 -26.82 2.81 7.85
C LYS A 131 -26.47 4.01 8.71
N THR A 132 -25.54 3.83 9.65
CA THR A 132 -25.14 4.92 10.54
C THR A 132 -23.64 5.20 10.58
N TRP A 133 -23.28 6.32 11.21
CA TRP A 133 -21.90 6.78 11.34
C TRP A 133 -21.37 6.81 12.78
N THR A 134 -20.06 6.92 12.89
CA THR A 134 -19.39 6.98 14.18
C THR A 134 -18.32 8.05 14.07
N ALA A 135 -18.48 9.12 14.85
CA ALA A 135 -17.53 10.23 14.85
C ALA A 135 -16.52 10.11 15.98
N ALA A 136 -15.24 10.31 15.66
CA ALA A 136 -14.17 10.21 16.65
C ALA A 136 -14.09 11.40 17.60
N ASP A 137 -14.59 12.56 17.17
CA ASP A 137 -14.56 13.74 18.01
C ASP A 137 -15.78 14.63 17.72
N MET A 138 -15.82 15.80 18.34
CA MET A 138 -16.95 16.71 18.14
C MET A 138 -16.95 17.35 16.76
N ALA A 139 -15.80 17.38 16.12
CA ALA A 139 -15.72 17.97 14.79
C ALA A 139 -16.47 17.01 13.87
N ALA A 140 -16.09 15.73 13.93
CA ALA A 140 -16.70 14.69 13.13
C ALA A 140 -18.18 14.55 13.47
N LEU A 141 -18.58 15.11 14.61
CA LEU A 141 -19.98 15.04 15.01
C LEU A 141 -20.78 16.03 14.17
N ILE A 142 -20.13 17.14 13.78
CA ILE A 142 -20.78 18.15 12.96
C ILE A 142 -21.07 17.55 11.58
N THR A 143 -20.11 16.78 11.09
CA THR A 143 -20.24 16.14 9.79
C THR A 143 -21.31 15.06 9.84
N LYS A 144 -21.36 14.33 10.95
CA LYS A 144 -22.34 13.25 11.14
C LYS A 144 -23.75 13.78 10.94
N HIS A 145 -24.08 14.86 11.65
CA HIS A 145 -25.41 15.46 11.56
C HIS A 145 -25.65 16.05 10.17
N LYS A 146 -24.60 16.52 9.51
CA LYS A 146 -24.72 17.10 8.17
C LYS A 146 -25.16 15.99 7.20
N TRP A 147 -24.41 14.88 7.23
CA TRP A 147 -24.68 13.73 6.36
C TRP A 147 -26.01 13.05 6.68
N GLU A 148 -26.41 13.12 7.94
CA GLU A 148 -27.66 12.51 8.37
C GLU A 148 -28.84 13.23 7.76
N GLN A 149 -28.78 14.57 7.77
CA GLN A 149 -29.84 15.40 7.22
C GLN A 149 -29.87 15.37 5.70
N ALA A 150 -28.76 15.01 5.09
CA ALA A 150 -28.68 14.94 3.63
C ALA A 150 -28.92 13.52 3.12
N GLY A 151 -29.19 12.59 4.03
CA GLY A 151 -29.42 11.21 3.63
C GLY A 151 -28.24 10.65 2.88
N GLU A 152 -27.05 11.00 3.34
CA GLU A 152 -25.82 10.54 2.72
C GLU A 152 -25.60 9.04 2.92
N ALA A 153 -26.06 8.50 4.03
CA ALA A 153 -25.89 7.08 4.30
C ALA A 153 -26.62 6.23 3.26
N GLU A 154 -27.78 6.71 2.81
CA GLU A 154 -28.57 5.98 1.81
C GLU A 154 -27.82 5.97 0.49
N ARG A 155 -27.25 7.13 0.16
CA ARG A 155 -26.49 7.29 -1.07
C ARG A 155 -25.29 6.36 -1.03
N LEU A 156 -24.52 6.42 0.05
CA LEU A 156 -23.34 5.59 0.20
C LEU A 156 -23.71 4.12 0.11
N ARG A 157 -24.71 3.72 0.90
CA ARG A 157 -25.17 2.33 0.91
C ARG A 157 -25.52 1.84 -0.49
N ALA A 158 -26.21 2.68 -1.26
CA ALA A 158 -26.59 2.30 -2.63
C ALA A 158 -25.34 2.06 -3.48
N TYR A 159 -24.31 2.86 -3.27
CA TYR A 159 -23.08 2.70 -4.02
C TYR A 159 -22.33 1.43 -3.65
N LEU A 160 -22.15 1.22 -2.35
CA LEU A 160 -21.45 0.04 -1.83
C LEU A 160 -22.05 -1.29 -2.29
N GLU A 161 -23.35 -1.47 -2.11
CA GLU A 161 -23.97 -2.72 -2.54
C GLU A 161 -24.36 -2.67 -4.00
N GLY A 162 -24.39 -1.46 -4.54
CA GLY A 162 -24.75 -1.31 -5.94
C GLY A 162 -23.57 -1.26 -6.88
N THR A 163 -23.15 -0.04 -7.22
CA THR A 163 -22.04 0.20 -8.13
C THR A 163 -20.72 -0.47 -7.75
N CYS A 164 -20.35 -0.38 -6.47
CA CYS A 164 -19.11 -0.97 -5.98
C CYS A 164 -19.01 -2.48 -6.24
N VAL A 165 -20.00 -3.25 -5.78
CA VAL A 165 -19.96 -4.70 -5.99
C VAL A 165 -20.04 -5.09 -7.45
N GLU A 166 -20.97 -4.48 -8.18
CA GLU A 166 -21.12 -4.80 -9.58
C GLU A 166 -19.88 -4.50 -10.42
N TRP A 167 -19.24 -3.36 -10.19
CA TRP A 167 -18.06 -3.06 -10.98
C TRP A 167 -16.88 -3.92 -10.53
N LEU A 168 -16.94 -4.42 -9.29
CA LEU A 168 -15.87 -5.27 -8.78
C LEU A 168 -15.92 -6.61 -9.53
N ARG A 169 -17.13 -7.12 -9.76
CA ARG A 169 -17.32 -8.37 -10.47
C ARG A 169 -16.76 -8.24 -11.87
N ARG A 170 -17.14 -7.15 -12.54
CA ARG A 170 -16.69 -6.86 -13.89
C ARG A 170 -15.16 -6.76 -13.98
N TYR A 171 -14.53 -6.17 -12.98
CA TYR A 171 -13.08 -6.02 -12.98
C TYR A 171 -12.44 -7.40 -12.82
N LEU A 172 -13.05 -8.23 -11.98
CA LEU A 172 -12.52 -9.57 -11.75
C LEU A 172 -12.70 -10.45 -12.98
N LYS A 173 -13.72 -10.11 -13.76
CA LYS A 173 -14.02 -10.85 -14.98
C LYS A 173 -13.02 -10.46 -16.06
N ASN A 174 -12.89 -9.15 -16.29
CA ASN A 174 -11.98 -8.64 -17.29
C ASN A 174 -10.51 -8.92 -16.99
N GLY A 175 -10.14 -8.90 -15.72
CA GLY A 175 -8.76 -9.14 -15.36
C GLY A 175 -8.55 -10.48 -14.69
N ASN A 176 -9.49 -11.40 -14.87
CA ASN A 176 -9.41 -12.72 -14.26
C ASN A 176 -8.07 -13.41 -14.50
N ALA A 177 -7.53 -13.27 -15.70
CA ALA A 177 -6.25 -13.89 -16.05
C ALA A 177 -5.16 -13.34 -15.15
N THR A 178 -5.36 -12.14 -14.62
CA THR A 178 -4.38 -11.51 -13.75
C THR A 178 -4.76 -11.61 -12.28
N LEU A 179 -6.00 -11.25 -11.98
CA LEU A 179 -6.50 -11.28 -10.62
C LEU A 179 -6.80 -12.65 -10.03
N LEU A 180 -7.16 -13.61 -10.88
CA LEU A 180 -7.48 -14.94 -10.40
C LEU A 180 -6.35 -15.95 -10.47
N ARG A 181 -5.13 -15.47 -10.68
CA ARG A 181 -3.98 -16.38 -10.76
C ARG A 181 -3.31 -16.56 -9.41
N THR A 182 -2.38 -17.49 -9.35
CA THR A 182 -1.65 -17.78 -8.13
C THR A 182 -0.19 -18.01 -8.49
N ASP A 183 0.70 -17.26 -7.85
CA ASP A 183 2.13 -17.41 -8.11
C ASP A 183 2.71 -18.02 -6.85
N SER A 184 3.23 -19.24 -6.98
CA SER A 184 3.81 -19.95 -5.86
C SER A 184 5.11 -19.29 -5.44
N PRO A 185 5.30 -19.08 -4.13
CA PRO A 185 6.53 -18.46 -3.65
C PRO A 185 7.77 -19.34 -3.81
N LYS A 186 8.91 -18.72 -4.05
CA LYS A 186 10.18 -19.42 -4.22
C LYS A 186 11.01 -18.99 -3.00
N ALA A 187 11.37 -19.94 -2.15
CA ALA A 187 12.14 -19.62 -0.97
C ALA A 187 13.57 -20.13 -0.88
N HIS A 188 14.32 -19.50 0.01
CA HIS A 188 15.71 -19.82 0.28
C HIS A 188 16.11 -19.16 1.59
N VAL A 189 17.12 -19.70 2.25
CA VAL A 189 17.59 -19.16 3.53
C VAL A 189 19.02 -18.65 3.44
N THR A 190 19.29 -17.53 4.13
CA THR A 190 20.62 -16.94 4.14
C THR A 190 21.18 -17.12 5.55
N HIS A 191 22.51 -17.12 5.65
CA HIS A 191 23.20 -17.30 6.92
C HIS A 191 24.15 -16.14 7.18
N HIS A 192 24.01 -15.51 8.35
CA HIS A 192 24.86 -14.38 8.70
C HIS A 192 25.47 -14.57 10.09
N SER A 193 26.78 -14.40 10.19
CA SER A 193 27.46 -14.55 11.47
C SER A 193 27.19 -13.36 12.40
N ARG A 194 27.22 -13.61 13.70
CA ARG A 194 26.98 -12.57 14.70
C ARG A 194 28.10 -12.52 15.71
N PRO A 195 28.34 -11.35 16.31
CA PRO A 195 29.41 -11.21 17.31
C PRO A 195 29.00 -11.79 18.67
N GLU A 196 29.13 -13.10 18.80
CA GLU A 196 28.78 -13.79 20.04
C GLU A 196 28.47 -15.25 19.77
N ASP A 197 29.13 -15.80 18.76
CA ASP A 197 28.92 -17.19 18.40
C ASP A 197 27.45 -17.41 18.05
N LYS A 198 26.80 -16.33 17.62
CA LYS A 198 25.40 -16.40 17.25
C LYS A 198 25.28 -16.31 15.74
N VAL A 199 24.28 -16.99 15.19
CA VAL A 199 24.05 -16.99 13.75
C VAL A 199 22.65 -16.50 13.44
N THR A 200 22.52 -15.70 12.38
CA THR A 200 21.23 -15.16 11.97
C THR A 200 20.73 -15.90 10.74
N LEU A 201 19.54 -16.48 10.82
CA LEU A 201 18.99 -17.21 9.70
C LEU A 201 17.80 -16.44 9.13
N ARG A 202 17.85 -16.14 7.84
CA ARG A 202 16.78 -15.41 7.19
C ARG A 202 16.12 -16.21 6.08
N CYS A 203 14.81 -16.35 6.19
CA CYS A 203 14.03 -17.07 5.21
C CYS A 203 13.42 -16.09 4.22
N TRP A 204 13.70 -16.27 2.93
CA TRP A 204 13.16 -15.38 1.91
C TRP A 204 12.09 -16.09 1.09
N ALA A 205 11.00 -15.37 0.81
CA ALA A 205 9.88 -15.89 0.01
C ALA A 205 9.65 -14.85 -1.08
N LEU A 206 9.82 -15.26 -2.34
CA LEU A 206 9.64 -14.34 -3.45
C LEU A 206 8.76 -14.80 -4.61
N GLY A 207 8.46 -13.85 -5.48
CA GLY A 207 7.65 -14.09 -6.67
C GLY A 207 6.25 -14.65 -6.50
N PHE A 208 5.61 -14.37 -5.37
CA PHE A 208 4.28 -14.91 -5.15
C PHE A 208 3.12 -13.94 -5.24
N TYR A 209 1.94 -14.51 -5.47
CA TYR A 209 0.68 -13.77 -5.58
C TYR A 209 -0.46 -14.78 -5.39
N PRO A 210 -1.49 -14.43 -4.59
CA PRO A 210 -1.64 -13.15 -3.88
C PRO A 210 -0.61 -12.88 -2.79
N ALA A 211 -0.76 -11.73 -2.14
CA ALA A 211 0.15 -11.31 -1.08
C ALA A 211 0.10 -12.08 0.24
N ASP A 212 -1.05 -12.67 0.56
CA ASP A 212 -1.20 -13.42 1.81
C ASP A 212 -0.25 -14.61 1.87
N ILE A 213 0.55 -14.67 2.94
CA ILE A 213 1.49 -15.75 3.11
C ILE A 213 1.91 -15.88 4.57
N THR A 214 2.31 -17.08 4.96
CA THR A 214 2.74 -17.32 6.34
C THR A 214 4.13 -17.94 6.37
N LEU A 215 5.01 -17.30 7.13
CA LEU A 215 6.39 -17.75 7.29
C LEU A 215 6.64 -17.91 8.79
N THR A 216 6.95 -19.13 9.21
CA THR A 216 7.21 -19.38 10.62
C THR A 216 8.39 -20.33 10.83
N TRP A 217 9.32 -19.93 11.68
CA TRP A 217 10.50 -20.73 11.99
C TRP A 217 10.20 -21.75 13.06
N GLN A 218 10.67 -22.98 12.86
CA GLN A 218 10.43 -24.05 13.82
C GLN A 218 11.68 -24.57 14.52
N LEU A 219 11.45 -25.26 15.63
CA LEU A 219 12.51 -25.84 16.44
C LEU A 219 11.89 -26.86 17.39
N ASN A 220 12.15 -28.13 17.16
CA ASN A 220 11.59 -29.18 18.01
C ASN A 220 10.09 -29.28 17.79
N GLY A 221 9.65 -28.83 16.62
CA GLY A 221 8.24 -28.87 16.28
C GLY A 221 7.42 -27.75 16.88
N GLU A 222 8.08 -26.80 17.54
CA GLU A 222 7.37 -25.68 18.15
C GLU A 222 7.66 -24.39 17.42
N GLU A 223 6.61 -23.67 17.05
CA GLU A 223 6.76 -22.40 16.35
C GLU A 223 7.43 -21.38 17.25
N LEU A 224 8.41 -20.67 16.70
CA LEU A 224 9.17 -19.65 17.44
C LEU A 224 8.68 -18.24 17.11
N ILE A 225 7.42 -18.11 16.69
CA ILE A 225 6.85 -16.81 16.35
C ILE A 225 7.18 -15.71 17.35
N GLN A 226 7.48 -16.10 18.59
CA GLN A 226 7.82 -15.15 19.63
C GLN A 226 9.20 -14.51 19.46
N ASP A 227 10.15 -15.29 18.94
CA ASP A 227 11.51 -14.81 18.72
C ASP A 227 11.82 -14.59 17.24
N MET A 228 10.76 -14.46 16.44
CA MET A 228 10.90 -14.25 15.01
C MET A 228 10.95 -12.78 14.64
N GLU A 229 11.73 -12.47 13.61
CA GLU A 229 11.88 -11.10 13.12
C GLU A 229 11.42 -11.11 11.67
N LEU A 230 10.58 -10.14 11.29
CA LEU A 230 10.09 -10.08 9.92
C LEU A 230 9.87 -8.67 9.40
N VAL A 231 9.37 -8.64 8.17
CA VAL A 231 9.05 -7.40 7.47
C VAL A 231 7.69 -7.69 6.89
N GLU A 232 6.88 -6.66 6.73
CA GLU A 232 5.53 -6.83 6.18
C GLU A 232 5.68 -7.25 4.72
N THR A 233 4.74 -8.06 4.24
CA THR A 233 4.77 -8.51 2.86
C THR A 233 4.85 -7.23 2.03
N ARG A 234 5.68 -7.24 1.00
CA ARG A 234 5.83 -6.05 0.16
C ARG A 234 5.87 -6.33 -1.34
N PRO A 235 5.37 -5.36 -2.14
CA PRO A 235 5.32 -5.45 -3.61
C PRO A 235 6.74 -5.50 -4.20
N ALA A 236 6.95 -6.37 -5.17
CA ALA A 236 8.26 -6.48 -5.78
C ALA A 236 8.39 -5.67 -7.07
N GLY A 237 7.38 -4.87 -7.36
CA GLY A 237 7.42 -4.03 -8.55
C GLY A 237 6.92 -4.62 -9.87
N ASP A 238 6.48 -5.86 -9.86
CA ASP A 238 5.99 -6.48 -11.07
C ASP A 238 4.64 -7.14 -10.86
N GLY A 239 4.00 -6.86 -9.73
CA GLY A 239 2.71 -7.45 -9.46
C GLY A 239 2.77 -8.60 -8.47
N THR A 240 3.99 -8.98 -8.09
CA THR A 240 4.20 -10.05 -7.13
C THR A 240 4.68 -9.44 -5.82
N PHE A 241 4.78 -10.28 -4.79
CA PHE A 241 5.21 -9.84 -3.48
C PHE A 241 6.32 -10.72 -2.92
N GLN A 242 7.00 -10.22 -1.89
CA GLN A 242 8.08 -10.95 -1.26
C GLN A 242 8.05 -10.67 0.23
N LYS A 243 8.74 -11.50 0.99
CA LYS A 243 8.80 -11.33 2.43
C LYS A 243 9.93 -12.17 2.99
N TRP A 244 10.33 -11.84 4.22
CA TRP A 244 11.39 -12.59 4.86
C TRP A 244 11.18 -12.59 6.36
N ALA A 245 11.60 -13.68 6.99
CA ALA A 245 11.49 -13.87 8.42
C ALA A 245 12.83 -14.44 8.89
N SER A 246 13.37 -13.87 9.96
CA SER A 246 14.64 -14.35 10.47
C SER A 246 14.58 -14.74 11.94
N VAL A 247 15.55 -15.57 12.34
CA VAL A 247 15.65 -16.05 13.71
C VAL A 247 17.12 -16.14 14.07
N VAL A 248 17.47 -15.73 15.29
CA VAL A 248 18.86 -15.79 15.74
C VAL A 248 19.03 -17.06 16.57
N VAL A 249 19.92 -17.92 16.12
CA VAL A 249 20.17 -19.18 16.82
C VAL A 249 21.64 -19.33 17.18
N PRO A 250 21.95 -20.30 18.05
CA PRO A 250 23.35 -20.52 18.48
C PRO A 250 24.15 -21.13 17.33
N LEU A 251 25.32 -20.56 17.08
CA LEU A 251 26.18 -21.07 16.01
C LEU A 251 26.40 -22.56 16.21
N GLY A 252 26.27 -23.32 15.12
CA GLY A 252 26.47 -24.76 15.21
C GLY A 252 25.18 -25.54 15.35
N LYS A 253 24.09 -24.85 15.65
CA LYS A 253 22.79 -25.50 15.82
C LYS A 253 21.75 -24.93 14.85
N GLU A 254 22.18 -24.63 13.63
CA GLU A 254 21.29 -24.07 12.63
C GLU A 254 20.49 -25.16 11.92
N GLN A 255 20.89 -26.41 12.10
CA GLN A 255 20.20 -27.53 11.47
C GLN A 255 18.96 -27.97 12.23
N TYR A 256 18.80 -27.49 13.46
CA TYR A 256 17.64 -27.84 14.28
C TYR A 256 16.47 -26.89 14.04
N TYR A 257 16.68 -25.88 13.20
CA TYR A 257 15.65 -24.89 12.88
C TYR A 257 15.14 -25.02 11.45
N THR A 258 13.83 -24.86 11.27
CA THR A 258 13.23 -24.95 9.95
C THR A 258 12.22 -23.85 9.69
N CYS A 259 12.20 -23.37 8.46
CA CYS A 259 11.29 -22.31 8.05
C CYS A 259 10.12 -22.94 7.28
N HIS A 260 8.91 -22.66 7.71
CA HIS A 260 7.73 -23.21 7.04
C HIS A 260 6.97 -22.14 6.29
N VAL A 261 6.73 -22.38 5.00
CA VAL A 261 6.01 -21.45 4.13
C VAL A 261 4.66 -21.98 3.65
N TYR A 262 3.60 -21.23 3.95
CA TYR A 262 2.23 -21.59 3.56
C TYR A 262 1.73 -20.55 2.57
N HIS A 263 1.05 -20.99 1.53
CA HIS A 263 0.53 -20.08 0.53
C HIS A 263 -0.36 -20.85 -0.43
N GLN A 264 -1.39 -20.20 -0.95
CA GLN A 264 -2.29 -20.86 -1.89
C GLN A 264 -1.54 -21.59 -3.00
N GLY A 265 -0.41 -21.02 -3.43
CA GLY A 265 0.37 -21.65 -4.48
C GLY A 265 1.24 -22.80 -4.01
N LEU A 266 1.05 -23.21 -2.76
CA LEU A 266 1.84 -24.31 -2.21
C LEU A 266 0.90 -25.41 -1.72
N PRO A 267 0.56 -26.36 -2.62
CA PRO A 267 -0.33 -27.48 -2.27
C PRO A 267 0.02 -28.02 -0.90
N GLU A 268 1.32 -28.06 -0.64
CA GLU A 268 1.84 -28.54 0.63
C GLU A 268 2.86 -27.49 1.08
N PRO A 269 2.76 -27.05 2.34
CA PRO A 269 3.67 -26.05 2.90
C PRO A 269 5.14 -26.37 2.66
N LEU A 270 5.94 -25.34 2.43
CA LEU A 270 7.36 -25.55 2.18
C LEU A 270 8.08 -25.66 3.52
N THR A 271 9.17 -26.43 3.53
CA THR A 271 9.95 -26.61 4.75
C THR A 271 11.41 -26.44 4.36
N LEU A 272 12.06 -25.44 4.94
CA LEU A 272 13.46 -25.17 4.65
C LEU A 272 14.31 -25.16 5.91
N ARG A 273 15.58 -25.50 5.73
CA ARG A 273 16.57 -25.55 6.80
C ARG A 273 17.90 -25.20 6.15
N TRP A 274 18.79 -24.51 6.87
CA TRP A 274 20.07 -24.14 6.31
C TRP A 274 20.89 -25.31 5.80
N ILE B 1 0.56 14.48 14.58
CA ILE B 1 1.39 13.23 14.69
C ILE B 1 2.45 13.15 13.59
N GLN B 2 3.57 12.51 13.92
CA GLN B 2 4.67 12.35 12.97
C GLN B 2 5.25 10.95 13.07
N LYS B 3 5.47 10.32 11.93
CA LYS B 3 6.03 8.97 11.89
C LYS B 3 7.16 8.87 10.90
N THR B 4 8.31 8.42 11.37
CA THR B 4 9.48 8.28 10.51
C THR B 4 9.31 7.07 9.60
N PRO B 5 9.63 7.24 8.31
CA PRO B 5 9.51 6.19 7.30
C PRO B 5 10.47 5.01 7.49
N GLN B 6 10.02 3.85 7.05
CA GLN B 6 10.83 2.64 7.12
C GLN B 6 11.24 2.41 5.68
N ILE B 7 12.50 2.70 5.35
CA ILE B 7 12.99 2.50 3.99
C ILE B 7 13.58 1.12 3.73
N GLN B 8 12.97 0.36 2.83
CA GLN B 8 13.45 -0.97 2.49
C GLN B 8 13.83 -1.04 1.02
N VAL B 9 15.04 -1.50 0.75
CA VAL B 9 15.55 -1.62 -0.62
C VAL B 9 15.79 -3.08 -0.94
N TYR B 10 15.20 -3.57 -2.03
CA TYR B 10 15.38 -4.97 -2.41
C TYR B 10 15.13 -5.17 -3.90
N SER B 11 15.53 -6.30 -4.43
CA SER B 11 15.33 -6.58 -5.85
C SER B 11 14.30 -7.69 -6.06
N ARG B 12 13.73 -7.72 -7.25
CA ARG B 12 12.72 -8.71 -7.65
C ARG B 12 13.27 -10.12 -7.44
N HIS B 13 14.35 -10.46 -8.14
CA HIS B 13 14.95 -11.77 -8.00
C HIS B 13 16.33 -11.66 -7.39
N PRO B 14 16.89 -12.80 -6.93
CA PRO B 14 18.22 -12.76 -6.35
C PRO B 14 19.17 -12.17 -7.39
N PRO B 15 20.03 -11.24 -6.99
CA PRO B 15 21.00 -10.59 -7.87
C PRO B 15 21.92 -11.50 -8.67
N GLU B 16 21.94 -11.30 -9.97
CA GLU B 16 22.79 -12.09 -10.85
C GLU B 16 23.40 -11.15 -11.87
N ASN B 17 24.69 -10.88 -11.70
CA ASN B 17 25.41 -9.99 -12.60
C ASN B 17 25.02 -10.23 -14.04
N GLY B 18 24.69 -9.16 -14.75
CA GLY B 18 24.31 -9.27 -16.15
C GLY B 18 22.89 -9.75 -16.42
N LYS B 19 22.17 -10.12 -15.36
CA LYS B 19 20.82 -10.59 -15.53
C LYS B 19 19.81 -9.51 -15.13
N PRO B 20 18.94 -9.13 -16.08
CA PRO B 20 17.92 -8.11 -15.84
C PRO B 20 17.19 -8.37 -14.51
N ASN B 21 16.78 -7.29 -13.85
CA ASN B 21 16.09 -7.38 -12.58
C ASN B 21 15.28 -6.12 -12.36
N ILE B 22 14.85 -5.91 -11.12
CA ILE B 22 14.07 -4.73 -10.75
C ILE B 22 14.47 -4.37 -9.32
N LEU B 23 14.78 -3.11 -9.09
CA LEU B 23 15.18 -2.65 -7.76
C LEU B 23 14.03 -1.87 -7.13
N ASN B 24 13.69 -2.24 -5.90
CA ASN B 24 12.60 -1.58 -5.19
C ASN B 24 13.02 -0.88 -3.91
N CYS B 25 12.33 0.22 -3.62
CA CYS B 25 12.56 1.01 -2.43
C CYS B 25 11.16 1.24 -1.89
N TYR B 26 10.80 0.46 -0.87
CA TYR B 26 9.49 0.57 -0.26
C TYR B 26 9.57 1.44 0.99
N VAL B 27 8.98 2.62 0.92
CA VAL B 27 8.98 3.53 2.05
C VAL B 27 7.62 3.34 2.71
N THR B 28 7.63 2.98 3.98
CA THR B 28 6.40 2.74 4.71
C THR B 28 6.29 3.34 6.10
N GLN B 29 5.08 3.27 6.63
CA GLN B 29 4.77 3.78 7.97
C GLN B 29 5.19 5.21 8.29
N PHE B 30 4.96 6.14 7.37
CA PHE B 30 5.33 7.53 7.62
C PHE B 30 4.15 8.51 7.62
N HIS B 31 4.36 9.65 8.26
CA HIS B 31 3.34 10.70 8.35
C HIS B 31 4.02 11.96 8.87
N PRO B 32 3.73 13.12 8.26
CA PRO B 32 2.83 13.40 7.13
C PRO B 32 3.21 12.74 5.80
N PRO B 33 2.32 12.83 4.80
CA PRO B 33 2.49 12.27 3.47
C PRO B 33 3.62 12.85 2.63
N HIS B 34 3.93 14.14 2.81
CA HIS B 34 5.00 14.74 2.04
C HIS B 34 6.31 13.99 2.26
N ILE B 35 6.91 13.55 1.17
CA ILE B 35 8.16 12.81 1.24
C ILE B 35 8.90 12.94 -0.09
N GLU B 36 10.20 12.69 -0.06
CA GLU B 36 11.03 12.77 -1.24
C GLU B 36 11.84 11.49 -1.34
N ILE B 37 11.62 10.73 -2.40
CA ILE B 37 12.33 9.48 -2.62
C ILE B 37 13.17 9.48 -3.88
N GLN B 38 14.47 9.23 -3.72
CA GLN B 38 15.38 9.21 -4.85
C GLN B 38 16.14 7.91 -4.91
N MET B 39 16.10 7.23 -6.05
CA MET B 39 16.79 5.98 -6.23
C MET B 39 18.14 6.39 -6.83
N LEU B 40 19.22 5.92 -6.25
CA LEU B 40 20.54 6.28 -6.76
C LEU B 40 21.38 5.10 -7.23
N LYS B 41 22.18 5.34 -8.26
CA LYS B 41 23.05 4.31 -8.80
C LYS B 41 24.44 4.92 -8.87
N ASN B 42 25.34 4.44 -8.02
CA ASN B 42 26.70 4.94 -7.97
C ASN B 42 26.68 6.42 -7.60
N GLY B 43 25.84 6.74 -6.61
CA GLY B 43 25.72 8.11 -6.15
C GLY B 43 24.97 9.03 -7.09
N LYS B 44 24.55 8.51 -8.24
CA LYS B 44 23.82 9.31 -9.20
C LYS B 44 22.34 8.96 -9.23
N LYS B 45 21.50 9.99 -9.29
CA LYS B 45 20.06 9.81 -9.32
C LYS B 45 19.62 9.06 -10.56
N ILE B 46 18.74 8.08 -10.38
CA ILE B 46 18.23 7.28 -11.49
C ILE B 46 17.01 8.00 -12.07
N PRO B 47 16.98 8.22 -13.40
CA PRO B 47 15.87 8.89 -14.09
C PRO B 47 14.62 8.02 -14.30
N LYS B 48 14.84 6.77 -14.72
CA LYS B 48 13.74 5.86 -14.95
C LYS B 48 13.24 5.28 -13.62
N VAL B 49 12.40 6.04 -12.91
CA VAL B 49 11.89 5.56 -11.63
C VAL B 49 10.36 5.64 -11.53
N GLU B 50 9.72 4.48 -11.40
CA GLU B 50 8.27 4.42 -11.31
C GLU B 50 7.79 4.36 -9.85
N MET B 51 6.86 5.25 -9.51
CA MET B 51 6.30 5.32 -8.17
C MET B 51 4.96 4.59 -8.24
N SER B 52 4.73 3.67 -7.32
CA SER B 52 3.48 2.94 -7.32
C SER B 52 3.10 2.37 -5.95
N ASP B 53 2.02 1.59 -5.95
CA ASP B 53 1.55 0.96 -4.74
C ASP B 53 1.40 1.88 -3.54
N MET B 54 0.76 3.02 -3.74
CA MET B 54 0.55 3.97 -2.66
C MET B 54 -0.66 3.54 -1.85
N SER B 55 -0.57 3.62 -0.53
CA SER B 55 -1.68 3.24 0.34
C SER B 55 -1.34 3.55 1.79
N PHE B 56 -2.29 3.31 2.69
CA PHE B 56 -2.04 3.55 4.11
C PHE B 56 -2.59 2.38 4.92
N SER B 57 -2.00 2.12 6.08
CA SER B 57 -2.44 1.02 6.94
C SER B 57 -3.61 1.48 7.79
N LYS B 58 -4.06 0.64 8.72
CA LYS B 58 -5.19 0.97 9.61
C LYS B 58 -4.73 2.11 10.52
N ASP B 59 -3.43 2.17 10.71
CA ASP B 59 -2.76 3.16 11.53
C ASP B 59 -2.85 4.52 10.81
N TRP B 60 -3.14 4.45 9.51
CA TRP B 60 -3.26 5.63 8.66
C TRP B 60 -1.90 6.07 8.11
N SER B 61 -0.84 5.36 8.49
CA SER B 61 0.49 5.70 8.01
C SER B 61 0.55 5.44 6.50
N PHE B 62 1.43 6.14 5.80
CA PHE B 62 1.55 5.97 4.36
C PHE B 62 2.57 4.94 3.91
N TYR B 63 2.29 4.34 2.76
CA TYR B 63 3.14 3.33 2.14
C TYR B 63 3.22 3.63 0.65
N ILE B 64 4.43 3.60 0.09
CA ILE B 64 4.60 3.86 -1.33
C ILE B 64 5.80 3.11 -1.85
N LEU B 65 5.74 2.72 -3.12
CA LEU B 65 6.85 1.99 -3.69
C LEU B 65 7.50 2.72 -4.86
N ALA B 66 8.82 2.65 -4.89
CA ALA B 66 9.62 3.27 -5.93
C ALA B 66 10.39 2.09 -6.51
N HIS B 67 10.35 1.91 -7.83
CA HIS B 67 11.07 0.81 -8.44
C HIS B 67 11.58 1.16 -9.82
N THR B 68 12.64 0.49 -10.21
CA THR B 68 13.25 0.72 -11.51
C THR B 68 13.91 -0.56 -12.01
N GLU B 69 14.00 -0.69 -13.32
CA GLU B 69 14.61 -1.87 -13.89
C GLU B 69 16.11 -1.62 -13.84
N PHE B 70 16.87 -2.71 -13.71
CA PHE B 70 18.32 -2.62 -13.65
C PHE B 70 18.92 -4.01 -13.79
N THR B 71 20.16 -4.04 -14.26
CA THR B 71 20.88 -5.29 -14.43
C THR B 71 22.08 -5.15 -13.50
N PRO B 72 22.10 -5.91 -12.39
CA PRO B 72 23.22 -5.83 -11.45
C PRO B 72 24.59 -6.12 -12.06
N THR B 73 25.59 -5.47 -11.50
CA THR B 73 26.99 -5.61 -11.91
C THR B 73 27.76 -5.81 -10.62
N GLU B 74 29.02 -6.23 -10.71
CA GLU B 74 29.77 -6.43 -9.47
C GLU B 74 30.27 -5.12 -8.88
N THR B 75 30.54 -4.12 -9.73
CA THR B 75 31.02 -2.84 -9.22
C THR B 75 29.93 -1.78 -9.04
N ASP B 76 28.72 -2.08 -9.49
CA ASP B 76 27.61 -1.13 -9.37
C ASP B 76 26.97 -1.11 -8.02
N THR B 77 26.77 0.09 -7.48
CA THR B 77 26.15 0.28 -6.19
C THR B 77 24.83 1.03 -6.32
N TYR B 78 23.83 0.65 -5.53
CA TYR B 78 22.52 1.30 -5.56
C TYR B 78 22.05 1.67 -4.16
N ALA B 79 21.35 2.79 -4.04
CA ALA B 79 20.84 3.25 -2.76
C ALA B 79 19.59 4.09 -2.95
N CYS B 80 18.83 4.26 -1.87
CA CYS B 80 17.60 5.04 -1.89
C CYS B 80 17.77 6.14 -0.85
N ARG B 81 17.58 7.38 -1.26
CA ARG B 81 17.72 8.52 -0.36
C ARG B 81 16.35 9.15 -0.13
N VAL B 82 15.91 9.17 1.13
CA VAL B 82 14.62 9.73 1.47
C VAL B 82 14.71 10.99 2.31
N LYS B 83 13.75 11.89 2.07
CA LYS B 83 13.67 13.15 2.78
C LYS B 83 12.25 13.26 3.35
N HIS B 84 12.14 13.28 4.68
CA HIS B 84 10.85 13.39 5.35
C HIS B 84 10.96 14.39 6.51
N ASP B 85 9.87 15.11 6.77
CA ASP B 85 9.84 16.10 7.83
C ASP B 85 10.21 15.61 9.23
N SER B 86 10.23 14.29 9.42
CA SER B 86 10.57 13.76 10.73
C SER B 86 12.05 13.43 10.86
N MET B 87 12.82 13.67 9.80
CA MET B 87 14.25 13.37 9.85
C MET B 87 15.20 14.54 10.00
N ALA B 88 14.93 15.64 9.31
CA ALA B 88 15.80 16.81 9.41
C ALA B 88 16.99 16.63 8.49
N GLU B 89 17.47 15.39 8.42
CA GLU B 89 18.61 15.05 7.56
C GLU B 89 18.28 13.86 6.69
N PRO B 90 18.43 14.02 5.36
CA PRO B 90 18.13 12.93 4.42
C PRO B 90 18.74 11.59 4.83
N LYS B 91 17.98 10.53 4.65
CA LYS B 91 18.45 9.19 4.99
C LYS B 91 18.68 8.39 3.70
N THR B 92 19.90 7.91 3.51
CA THR B 92 20.24 7.14 2.33
C THR B 92 20.44 5.67 2.66
N VAL B 93 19.51 4.82 2.24
CA VAL B 93 19.60 3.39 2.50
C VAL B 93 20.29 2.68 1.34
N TYR B 94 21.27 1.85 1.66
CA TYR B 94 22.01 1.13 0.62
C TYR B 94 21.44 -0.25 0.34
N TRP B 95 21.57 -0.66 -0.92
CA TRP B 95 21.08 -1.96 -1.33
C TRP B 95 22.10 -3.03 -0.94
N ASP B 96 21.69 -3.97 -0.10
CA ASP B 96 22.57 -5.04 0.34
C ASP B 96 22.18 -6.32 -0.40
N ARG B 97 22.89 -6.60 -1.49
CA ARG B 97 22.61 -7.78 -2.29
C ARG B 97 22.85 -9.13 -1.59
N ASP B 98 23.54 -9.11 -0.44
CA ASP B 98 23.81 -10.34 0.29
C ASP B 98 22.85 -10.61 1.45
N MET B 99 21.87 -9.73 1.65
CA MET B 99 20.91 -9.89 2.75
C MET B 99 20.19 -11.24 2.75
N ARG C 1 -14.86 1.41 -10.08
CA ARG C 1 -15.60 2.70 -10.16
C ARG C 1 -15.61 3.40 -8.80
N GLY C 2 -14.99 4.57 -8.72
CA GLY C 2 -14.94 5.32 -7.48
C GLY C 2 -16.22 6.02 -7.10
N TYR C 3 -16.26 6.47 -5.85
CA TYR C 3 -17.41 7.17 -5.28
C TYR C 3 -17.26 8.68 -5.39
N LEU C 4 -18.39 9.37 -5.43
CA LEU C 4 -18.42 10.82 -5.51
C LEU C 4 -18.67 11.20 -4.04
N TYR C 5 -17.61 11.57 -3.35
CA TYR C 5 -17.70 11.93 -1.93
C TYR C 5 -18.48 13.18 -1.58
N GLN C 6 -19.03 13.15 -0.37
CA GLN C 6 -19.83 14.24 0.17
C GLN C 6 -18.98 15.17 1.02
N GLY C 7 -19.36 16.44 1.06
CA GLY C 7 -18.62 17.41 1.85
C GLY C 7 -18.75 17.21 3.35
N LEU C 8 -17.69 17.50 4.08
CA LEU C 8 -17.65 17.36 5.54
C LEU C 8 -18.31 18.53 6.29
#